data_4ID0
#
_entry.id   4ID0
#
_cell.length_a   68.542
_cell.length_b   69.741
_cell.length_c   80.182
_cell.angle_alpha   90.000
_cell.angle_beta   90.000
_cell.angle_gamma   90.000
#
_symmetry.space_group_name_H-M   'P 21 21 21'
#
loop_
_entity.id
_entity.type
_entity.pdbx_description
1 polymer 'Glutathione S-transferase-like protein YibF'
2 non-polymer 'ACETATE ION'
3 non-polymer GLYCEROL
4 non-polymer L-GAMMA-GLUTAMYL-3-SULFINO-L-ALANYLGLYCINE
5 water water
#
_entity_poly.entity_id   1
_entity_poly.type   'polypeptide(L)'
_entity_poly.pdbx_seq_one_letter_code
;(MSE)SLTLFHNPASPYVRKV(MSE)VLLHETGQLNRVALQASQLSPVAPDAALNQDNPLGKIPALRLDNGQVLYDSRVI
LDYLDQQHVGNPLIPRDGSARWRRLTLAALADGI(MSE)DASVLVRYELALRAPEKHWEQWLDGQRDKIRRALAVLEAEA
IAELASHFDIAAISVACALGYLDFRHPDLEWRQDHPQLAAWYFEISQRPS(MSE)LATRPPVEGHHHHHH
;
_entity_poly.pdbx_strand_id   A,B
#
loop_
_chem_comp.id
_chem_comp.type
_chem_comp.name
_chem_comp.formula
ACT non-polymer 'ACETATE ION' 'C2 H3 O2 -1'
GOL non-polymer GLYCEROL 'C3 H8 O3'
GSF non-polymer L-GAMMA-GLUTAMYL-3-SULFINO-L-ALANYLGLYCINE 'C10 H17 N3 O8 S'
#
# COMPACT_ATOMS: atom_id res chain seq x y z
N SER A 2 -4.25 -15.81 -21.78
CA SER A 2 -4.37 -14.35 -21.61
C SER A 2 -4.71 -14.00 -20.14
N LEU A 3 -4.61 -12.72 -19.84
CA LEU A 3 -4.81 -12.23 -18.47
C LEU A 3 -6.21 -11.67 -18.29
N THR A 4 -6.72 -11.67 -17.06
CA THR A 4 -7.99 -11.00 -16.78
C THR A 4 -7.74 -9.97 -15.72
N LEU A 5 -8.13 -8.72 -15.98
CA LEU A 5 -8.05 -7.64 -15.01
C LEU A 5 -9.43 -7.38 -14.42
N PHE A 6 -9.55 -7.57 -13.10
CA PHE A 6 -10.76 -7.15 -12.36
C PHE A 6 -10.69 -5.65 -12.26
N HIS A 7 -11.65 -5.02 -12.92
CA HIS A 7 -11.56 -3.63 -13.35
C HIS A 7 -12.71 -2.78 -12.87
N ASN A 8 -12.43 -1.52 -12.58
CA ASN A 8 -13.47 -0.52 -12.33
C ASN A 8 -12.89 0.80 -12.85
N PRO A 9 -13.72 1.56 -13.56
CA PRO A 9 -13.20 2.77 -14.21
C PRO A 9 -13.03 3.98 -13.31
N ALA A 10 -13.55 3.95 -12.10
CA ALA A 10 -13.39 5.09 -11.19
C ALA A 10 -12.12 4.99 -10.38
N SER A 11 -11.66 3.76 -10.12
CA SER A 11 -10.54 3.59 -9.21
C SER A 11 -9.23 4.15 -9.81
N PRO A 12 -8.50 4.98 -9.07
CA PRO A 12 -7.23 5.47 -9.61
C PRO A 12 -6.13 4.40 -9.54
N TYR A 13 -6.33 3.41 -8.68
CA TYR A 13 -5.41 2.29 -8.56
C TYR A 13 -5.50 1.37 -9.75
N VAL A 14 -6.73 1.07 -10.18
CA VAL A 14 -6.93 0.43 -11.48
C VAL A 14 -6.33 1.27 -12.58
N ARG A 15 -6.54 2.58 -12.53
CA ARG A 15 -6.05 3.42 -13.61
C ARG A 15 -4.54 3.27 -13.79
N LYS A 16 -3.79 3.21 -12.69
CA LYS A 16 -2.33 3.05 -12.85
C LYS A 16 -2.02 1.82 -13.70
N VAL A 17 -2.69 0.72 -13.39
CA VAL A 17 -2.47 -0.53 -14.12
C VAL A 17 -2.82 -0.35 -15.59
N MSE A 18 -3.97 0.25 -15.88
CA MSE A 18 -4.35 0.49 -17.27
C MSE A 18 -3.36 1.36 -18.01
O MSE A 18 -3.04 1.07 -19.17
CB MSE A 18 -5.75 1.09 -17.33
CG MSE A 18 -6.83 0.17 -16.82
SE MSE A 18 -7.12 -1.40 -17.95
CE MSE A 18 -7.61 -0.61 -19.59
N VAL A 19 -2.90 2.44 -17.40
CA VAL A 19 -1.92 3.30 -18.01
C VAL A 19 -0.64 2.54 -18.30
N LEU A 20 -0.16 1.74 -17.34
CA LEU A 20 1.06 0.98 -17.60
C LEU A 20 0.84 -0.05 -18.72
N LEU A 21 -0.31 -0.69 -18.78
CA LEU A 21 -0.58 -1.60 -19.88
C LEU A 21 -0.52 -0.88 -21.23
N HIS A 22 -1.14 0.29 -21.33
CA HIS A 22 -1.02 1.07 -22.56
C HIS A 22 0.43 1.41 -22.85
N GLU A 23 1.13 1.95 -21.87
CA GLU A 23 2.49 2.44 -22.11
C GLU A 23 3.48 1.36 -22.47
N THR A 24 3.25 0.14 -22.03
CA THR A 24 4.18 -0.97 -22.30
C THR A 24 3.68 -1.88 -23.40
N GLY A 25 2.58 -1.54 -24.05
CA GLY A 25 2.14 -2.34 -25.20
C GLY A 25 1.56 -3.69 -24.85
N GLN A 26 0.95 -3.84 -23.67
CA GLN A 26 0.47 -5.14 -23.24
C GLN A 26 -1.07 -5.21 -23.15
N LEU A 27 -1.79 -4.26 -23.77
CA LEU A 27 -3.25 -4.36 -23.79
C LEU A 27 -3.72 -5.58 -24.56
N ASN A 28 -2.90 -6.10 -25.45
CA ASN A 28 -3.23 -7.30 -26.22
C ASN A 28 -3.20 -8.60 -25.44
N ARG A 29 -2.86 -8.48 -24.16
N ARG A 29 -2.89 -8.57 -24.17
CA ARG A 29 -2.79 -9.60 -23.18
CA ARG A 29 -3.01 -9.83 -23.43
C ARG A 29 -4.05 -9.72 -22.35
C ARG A 29 -4.00 -9.69 -22.29
N VAL A 30 -4.85 -8.66 -22.28
CA VAL A 30 -5.79 -8.48 -21.19
C VAL A 30 -7.22 -8.44 -21.63
N ALA A 31 -8.07 -9.10 -20.87
CA ALA A 31 -9.52 -8.93 -20.94
C ALA A 31 -9.97 -8.30 -19.64
N LEU A 32 -10.89 -7.37 -19.72
CA LEU A 32 -11.44 -6.71 -18.54
C LEU A 32 -12.62 -7.48 -17.98
N GLN A 33 -12.72 -7.55 -16.66
CA GLN A 33 -13.91 -8.10 -16.01
C GLN A 33 -14.40 -7.08 -15.04
N ALA A 34 -15.60 -6.60 -15.30
CA ALA A 34 -16.18 -5.46 -14.60
C ALA A 34 -16.42 -5.86 -13.18
N SER A 35 -16.00 -4.99 -12.25
CA SER A 35 -16.05 -5.32 -10.86
C SER A 35 -16.48 -4.11 -10.03
N GLN A 36 -17.23 -4.38 -8.96
N GLN A 36 -17.34 -4.33 -9.05
CA GLN A 36 -17.85 -3.31 -8.19
CA GLN A 36 -17.86 -3.21 -8.27
C GLN A 36 -17.04 -2.92 -6.97
C GLN A 36 -16.98 -2.92 -7.08
N LEU A 37 -16.73 -1.63 -6.83
CA LEU A 37 -16.00 -1.22 -5.64
C LEU A 37 -16.88 -1.44 -4.43
N SER A 38 -16.23 -1.73 -3.31
CA SER A 38 -16.87 -2.06 -2.05
C SER A 38 -16.37 -1.15 -0.93
N PRO A 39 -16.85 0.08 -0.91
CA PRO A 39 -16.33 1.08 0.03
C PRO A 39 -16.71 0.82 1.48
N VAL A 40 -17.79 0.09 1.76
CA VAL A 40 -18.26 -0.08 3.11
C VAL A 40 -18.29 -1.58 3.37
N ALA A 41 -19.40 -2.26 3.05
CA ALA A 41 -19.47 -3.73 3.22
C ALA A 41 -18.80 -4.40 2.00
N PRO A 42 -18.01 -5.48 2.22
CA PRO A 42 -17.53 -6.24 1.07
C PRO A 42 -18.71 -6.71 0.22
N ASP A 43 -18.46 -6.80 -1.09
CA ASP A 43 -19.52 -7.28 -2.02
C ASP A 43 -19.96 -8.67 -1.67
N ALA A 44 -21.26 -8.87 -1.64
CA ALA A 44 -21.85 -10.19 -1.40
C ALA A 44 -21.74 -11.13 -2.61
N ALA A 45 -21.45 -10.58 -3.79
CA ALA A 45 -21.31 -11.42 -4.98
C ALA A 45 -19.80 -11.65 -5.17
N LEU A 46 -19.34 -12.86 -4.92
CA LEU A 46 -17.94 -13.17 -5.13
C LEU A 46 -17.67 -13.81 -6.49
N ASN A 47 -16.54 -13.44 -7.07
CA ASN A 47 -15.92 -14.28 -8.10
C ASN A 47 -15.00 -15.20 -7.30
N GLN A 48 -15.10 -16.49 -7.53
CA GLN A 48 -14.32 -17.46 -6.69
C GLN A 48 -12.82 -17.33 -6.88
N ASP A 49 -12.35 -16.72 -7.97
CA ASP A 49 -10.93 -16.43 -8.11
C ASP A 49 -10.45 -15.24 -7.33
N ASN A 50 -11.38 -14.39 -6.93
CA ASN A 50 -11.05 -13.15 -6.23
C ASN A 50 -11.91 -13.04 -4.98
N PRO A 51 -11.73 -13.97 -4.02
CA PRO A 51 -12.63 -14.01 -2.87
C PRO A 51 -12.55 -12.77 -1.98
N LEU A 52 -11.48 -12.00 -2.07
CA LEU A 52 -11.35 -10.81 -1.26
C LEU A 52 -11.84 -9.57 -2.04
N GLY A 53 -12.32 -9.74 -3.28
CA GLY A 53 -12.84 -8.60 -4.02
C GLY A 53 -11.81 -7.53 -4.24
N LYS A 54 -10.54 -7.92 -4.42
CA LYS A 54 -9.50 -6.95 -4.66
C LYS A 54 -9.68 -6.30 -6.03
N ILE A 55 -9.55 -4.98 -6.07
CA ILE A 55 -9.70 -4.22 -7.31
C ILE A 55 -8.63 -3.15 -7.31
N PRO A 56 -7.67 -3.14 -8.23
CA PRO A 56 -7.47 -4.14 -9.28
C PRO A 56 -7.01 -5.48 -8.72
N ALA A 57 -7.27 -6.52 -9.51
CA ALA A 57 -6.68 -7.85 -9.29
C ALA A 57 -6.42 -8.39 -10.69
N LEU A 58 -5.34 -9.13 -10.85
CA LEU A 58 -4.95 -9.66 -12.16
C LEU A 58 -4.88 -11.17 -12.10
N ARG A 59 -5.74 -11.82 -12.86
N ARG A 59 -5.71 -11.84 -12.87
CA ARG A 59 -5.67 -13.26 -13.04
CA ARG A 59 -5.68 -13.29 -12.94
C ARG A 59 -4.69 -13.56 -14.15
C ARG A 59 -4.84 -13.77 -14.13
N LEU A 60 -3.73 -14.42 -13.80
CA LEU A 60 -2.72 -14.81 -14.79
C LEU A 60 -3.23 -15.91 -15.66
N ASP A 61 -2.48 -16.20 -16.74
CA ASP A 61 -2.93 -17.14 -17.75
C ASP A 61 -3.33 -18.47 -17.14
N ASN A 62 -2.64 -18.90 -16.08
CA ASN A 62 -2.94 -20.19 -15.46
C ASN A 62 -3.69 -20.13 -14.13
N GLY A 63 -4.28 -18.98 -13.82
CA GLY A 63 -5.25 -18.89 -12.76
C GLY A 63 -4.80 -18.21 -11.46
N GLN A 64 -3.51 -18.02 -11.25
CA GLN A 64 -3.08 -17.29 -10.04
C GLN A 64 -3.59 -15.86 -10.08
N VAL A 65 -4.00 -15.30 -8.95
CA VAL A 65 -4.49 -13.93 -8.92
C VAL A 65 -3.54 -13.05 -8.12
N LEU A 66 -3.10 -11.96 -8.72
CA LEU A 66 -2.21 -10.98 -8.10
C LEU A 66 -2.95 -9.75 -7.69
N TYR A 67 -2.48 -9.16 -6.56
CA TYR A 67 -2.93 -7.87 -6.09
C TYR A 67 -1.90 -7.45 -5.05
N ASP A 68 -1.86 -6.19 -4.59
CA ASP A 68 -2.66 -5.03 -4.99
C ASP A 68 -2.04 -4.35 -6.20
N SER A 69 -2.40 -3.10 -6.48
CA SER A 69 -1.95 -2.47 -7.71
C SER A 69 -0.44 -2.43 -7.79
N ARG A 70 0.28 -2.22 -6.68
CA ARG A 70 1.73 -2.17 -6.79
C ARG A 70 2.35 -3.48 -7.14
N VAL A 71 1.79 -4.58 -6.67
CA VAL A 71 2.26 -5.91 -7.06
C VAL A 71 1.99 -6.14 -8.55
N ILE A 72 0.80 -5.78 -9.00
CA ILE A 72 0.42 -5.95 -10.41
C ILE A 72 1.33 -5.12 -11.31
N LEU A 73 1.63 -3.87 -10.92
CA LEU A 73 2.50 -3.01 -11.71
C LEU A 73 3.88 -3.61 -11.84
N ASP A 74 4.43 -4.12 -10.73
N ASP A 74 4.41 -4.14 -10.73
CA ASP A 74 5.73 -4.78 -10.78
CA ASP A 74 5.71 -4.78 -10.74
C ASP A 74 5.68 -5.99 -11.73
C ASP A 74 5.74 -6.02 -11.65
N TYR A 75 4.69 -6.86 -11.55
CA TYR A 75 4.55 -8.04 -12.42
C TYR A 75 4.55 -7.63 -13.90
N LEU A 76 3.69 -6.66 -14.22
CA LEU A 76 3.53 -6.25 -15.61
C LEU A 76 4.80 -5.60 -16.14
N ASP A 77 5.48 -4.80 -15.32
CA ASP A 77 6.67 -4.18 -15.79
C ASP A 77 7.74 -5.23 -16.14
N GLN A 78 7.77 -6.33 -15.38
CA GLN A 78 8.73 -7.40 -15.62
C GLN A 78 8.37 -8.30 -16.79
N GLN A 79 7.19 -8.13 -17.37
CA GLN A 79 6.77 -8.97 -18.50
C GLN A 79 7.18 -8.41 -19.84
N HIS A 80 7.68 -7.18 -19.92
CA HIS A 80 8.13 -6.65 -21.21
C HIS A 80 9.61 -6.40 -21.15
N VAL A 81 10.20 -6.28 -22.32
CA VAL A 81 11.62 -6.01 -22.43
C VAL A 81 11.79 -4.53 -22.73
N GLY A 82 13.02 -4.12 -22.95
N GLY A 82 13.01 -4.08 -22.94
CA GLY A 82 13.32 -2.72 -23.18
CA GLY A 82 13.21 -2.68 -23.22
C GLY A 82 13.44 -1.94 -21.89
C GLY A 82 12.56 -1.76 -22.20
N ASN A 83 13.16 -0.63 -21.98
CA ASN A 83 12.94 0.25 -20.87
C ASN A 83 11.93 -0.13 -19.77
N PRO A 84 12.49 -0.62 -18.71
CA PRO A 84 11.63 -0.80 -17.56
C PRO A 84 11.06 0.50 -17.04
N LEU A 85 9.83 0.43 -16.54
CA LEU A 85 9.25 1.58 -15.89
C LEU A 85 9.48 1.59 -14.39
N ILE A 86 10.03 0.50 -13.85
CA ILE A 86 10.53 0.47 -12.50
C ILE A 86 12.01 0.15 -12.60
N PRO A 87 12.91 1.02 -12.16
CA PRO A 87 14.32 0.66 -12.31
C PRO A 87 14.66 -0.58 -11.53
N ARG A 88 15.51 -1.42 -12.11
CA ARG A 88 15.83 -2.70 -11.48
C ARG A 88 16.84 -2.56 -10.34
N ASP A 89 17.62 -1.50 -10.36
CA ASP A 89 18.64 -1.31 -9.33
C ASP A 89 19.09 0.13 -9.35
N GLY A 90 20.12 0.45 -8.58
CA GLY A 90 20.62 1.81 -8.55
C GLY A 90 19.77 2.65 -7.61
N SER A 91 20.27 3.83 -7.28
CA SER A 91 19.52 4.79 -6.47
C SER A 91 18.14 5.05 -7.08
N ALA A 92 18.07 5.05 -8.41
CA ALA A 92 16.82 5.38 -9.08
C ALA A 92 15.70 4.42 -8.71
N ARG A 93 16.00 3.16 -8.44
CA ARG A 93 14.92 2.24 -8.09
C ARG A 93 14.12 2.79 -6.89
N TRP A 94 14.83 3.08 -5.80
CA TRP A 94 14.12 3.46 -4.58
C TRP A 94 13.64 4.91 -4.62
N ARG A 95 14.29 5.76 -5.41
CA ARG A 95 13.78 7.10 -5.63
C ARG A 95 12.43 7.07 -6.37
N ARG A 96 12.41 6.33 -7.47
CA ARG A 96 11.16 6.24 -8.23
C ARG A 96 10.03 5.51 -7.50
N LEU A 97 10.37 4.45 -6.75
CA LEU A 97 9.37 3.78 -5.95
C LEU A 97 8.86 4.65 -4.82
N THR A 98 9.71 5.50 -4.22
CA THR A 98 9.24 6.40 -3.19
C THR A 98 8.31 7.46 -3.77
N LEU A 99 8.66 8.00 -4.94
CA LEU A 99 7.77 8.95 -5.59
C LEU A 99 6.41 8.29 -5.94
N ALA A 100 6.47 7.04 -6.37
CA ALA A 100 5.22 6.31 -6.57
C ALA A 100 4.42 6.16 -5.28
N ALA A 101 5.10 5.85 -4.17
CA ALA A 101 4.44 5.71 -2.88
C ALA A 101 3.88 7.05 -2.45
N LEU A 102 4.55 8.16 -2.72
CA LEU A 102 4.00 9.48 -2.44
C LEU A 102 2.66 9.63 -3.15
N ALA A 103 2.63 9.27 -4.43
CA ALA A 103 1.40 9.35 -5.20
C ALA A 103 0.33 8.44 -4.67
N ASP A 104 0.68 7.20 -4.31
CA ASP A 104 -0.29 6.29 -3.71
C ASP A 104 -0.81 6.87 -2.42
N GLY A 105 0.03 7.59 -1.67
CA GLY A 105 -0.47 8.23 -0.47
C GLY A 105 -1.42 9.36 -0.72
N ILE A 106 -1.22 10.11 -1.79
CA ILE A 106 -2.21 11.09 -2.21
C ILE A 106 -3.53 10.41 -2.52
N MSE A 107 -3.46 9.32 -3.26
CA MSE A 107 -4.67 8.56 -3.60
C MSE A 107 -5.33 8.03 -2.32
O MSE A 107 -6.57 8.12 -2.17
CB MSE A 107 -4.35 7.42 -4.53
CG MSE A 107 -4.11 7.87 -5.98
SE MSE A 107 -3.72 6.71 -7.33
CE MSE A 107 -1.86 6.64 -7.19
N ASP A 108 -4.54 7.47 -1.40
CA ASP A 108 -5.14 6.88 -0.19
C ASP A 108 -5.92 7.95 0.60
N ALA A 109 -5.29 9.13 0.78
CA ALA A 109 -5.94 10.20 1.53
C ALA A 109 -7.16 10.65 0.76
N SER A 110 -7.07 10.77 -0.56
CA SER A 110 -8.16 11.23 -1.38
C SER A 110 -9.34 10.27 -1.32
N VAL A 111 -9.10 8.96 -1.34
CA VAL A 111 -10.19 8.01 -1.22
C VAL A 111 -10.81 8.06 0.14
N LEU A 112 -10.02 8.15 1.20
CA LEU A 112 -10.63 8.27 2.55
C LEU A 112 -11.53 9.49 2.63
N VAL A 113 -11.10 10.63 2.12
CA VAL A 113 -11.93 11.84 2.16
C VAL A 113 -13.19 11.66 1.30
N ARG A 114 -13.06 11.13 0.09
CA ARG A 114 -14.23 10.89 -0.76
C ARG A 114 -15.22 9.98 -0.08
N TYR A 115 -14.78 8.84 0.45
CA TYR A 115 -15.75 7.90 0.97
C TYR A 115 -16.44 8.45 2.21
N GLU A 116 -15.72 9.16 3.07
CA GLU A 116 -16.40 9.74 4.22
C GLU A 116 -17.41 10.76 3.76
N LEU A 117 -17.00 11.70 2.91
CA LEU A 117 -17.90 12.76 2.48
C LEU A 117 -19.10 12.23 1.74
N ALA A 118 -18.92 11.24 0.87
CA ALA A 118 -20.00 10.74 0.04
C ALA A 118 -20.91 9.76 0.73
N LEU A 119 -20.40 8.99 1.70
CA LEU A 119 -21.12 7.86 2.24
C LEU A 119 -21.51 7.93 3.70
N ARG A 120 -20.68 8.60 4.51
CA ARG A 120 -20.99 8.72 5.92
C ARG A 120 -21.99 9.88 6.13
N ALA A 121 -22.90 9.72 7.07
CA ALA A 121 -23.87 10.79 7.38
C ALA A 121 -23.14 12.10 7.69
N PRO A 122 -23.65 13.25 7.20
CA PRO A 122 -22.95 14.52 7.46
C PRO A 122 -22.72 14.81 8.91
N GLU A 123 -23.64 14.46 9.78
N GLU A 123 -23.64 14.46 9.79
CA GLU A 123 -23.50 14.74 11.19
CA GLU A 123 -23.46 14.81 11.18
C GLU A 123 -22.35 13.97 11.80
C GLU A 123 -22.40 13.92 11.85
N LYS A 124 -21.91 12.90 11.12
CA LYS A 124 -20.79 12.09 11.62
C LYS A 124 -19.46 12.38 10.94
N HIS A 125 -19.45 13.34 10.01
CA HIS A 125 -18.19 13.78 9.41
C HIS A 125 -17.35 14.41 10.48
N TRP A 126 -16.04 14.18 10.39
CA TRP A 126 -15.08 14.71 11.38
C TRP A 126 -14.09 15.60 10.64
N GLU A 127 -14.30 16.91 10.72
CA GLU A 127 -13.60 17.84 9.85
C GLU A 127 -12.10 17.85 10.13
N GLN A 128 -11.69 17.71 11.39
CA GLN A 128 -10.26 17.73 11.67
C GLN A 128 -9.58 16.48 11.09
N TRP A 129 -10.28 15.35 11.06
CA TRP A 129 -9.77 14.16 10.39
C TRP A 129 -9.66 14.40 8.89
N LEU A 130 -10.72 14.90 8.28
CA LEU A 130 -10.69 15.20 6.85
C LEU A 130 -9.57 16.18 6.51
N ASP A 131 -9.39 17.23 7.33
CA ASP A 131 -8.32 18.15 7.08
C ASP A 131 -6.94 17.53 7.28
N GLY A 132 -6.82 16.60 8.22
CA GLY A 132 -5.55 15.90 8.41
C GLY A 132 -5.18 15.12 7.14
N GLN A 133 -6.19 14.50 6.50
CA GLN A 133 -5.94 13.82 5.26
C GLN A 133 -5.61 14.83 4.14
N ARG A 134 -6.35 15.94 4.07
CA ARG A 134 -6.05 16.94 3.08
C ARG A 134 -4.66 17.51 3.26
N ASP A 135 -4.18 17.63 4.48
CA ASP A 135 -2.85 18.12 4.70
C ASP A 135 -1.77 17.14 4.18
N LYS A 136 -2.01 15.84 4.25
CA LYS A 136 -1.12 14.90 3.60
C LYS A 136 -1.02 15.19 2.12
N ILE A 137 -2.17 15.43 1.48
CA ILE A 137 -2.20 15.73 0.06
C ILE A 137 -1.41 17.01 -0.24
N ARG A 138 -1.68 18.06 0.54
CA ARG A 138 -1.02 19.34 0.29
C ARG A 138 0.49 19.24 0.49
N ARG A 139 0.94 18.57 1.56
CA ARG A 139 2.36 18.43 1.77
C ARG A 139 3.02 17.62 0.65
N ALA A 140 2.34 16.58 0.19
CA ALA A 140 2.89 15.75 -0.86
C ALA A 140 3.00 16.54 -2.19
N LEU A 141 1.97 17.31 -2.52
CA LEU A 141 2.04 18.18 -3.70
C LEU A 141 3.16 19.18 -3.60
N ALA A 142 3.39 19.72 -2.42
CA ALA A 142 4.48 20.66 -2.25
C ALA A 142 5.84 20.01 -2.49
N VAL A 143 6.03 18.77 -2.03
CA VAL A 143 7.26 18.04 -2.30
C VAL A 143 7.42 17.81 -3.78
N LEU A 144 6.38 17.40 -4.49
CA LEU A 144 6.52 17.21 -5.91
C LEU A 144 6.95 18.45 -6.65
N GLU A 145 6.34 19.58 -6.31
CA GLU A 145 6.70 20.82 -6.95
C GLU A 145 8.13 21.23 -6.63
N ALA A 146 8.55 21.07 -5.38
CA ALA A 146 9.88 21.54 -4.94
C ALA A 146 10.99 20.61 -5.36
N GLU A 147 10.70 19.32 -5.47
CA GLU A 147 11.77 18.33 -5.60
C GLU A 147 11.71 17.39 -6.80
N ALA A 148 10.56 17.23 -7.43
CA ALA A 148 10.36 16.12 -8.34
C ALA A 148 10.07 16.48 -9.76
N ILE A 149 10.02 17.76 -10.12
CA ILE A 149 9.60 18.11 -11.48
C ILE A 149 10.50 17.51 -12.57
N ALA A 150 11.81 17.68 -12.43
CA ALA A 150 12.72 17.12 -13.42
C ALA A 150 12.63 15.62 -13.44
N GLU A 151 12.53 15.02 -12.25
CA GLU A 151 12.40 13.58 -12.16
C GLU A 151 11.18 13.07 -12.92
N LEU A 152 10.02 13.68 -12.67
CA LEU A 152 8.80 13.26 -13.34
C LEU A 152 8.92 13.41 -14.84
N ALA A 153 9.46 14.53 -15.29
CA ALA A 153 9.62 14.79 -16.71
C ALA A 153 10.60 13.82 -17.40
N SER A 154 11.54 13.28 -16.65
CA SER A 154 12.56 12.45 -17.28
C SER A 154 12.09 11.13 -17.83
N HIS A 155 10.99 10.59 -17.30
CA HIS A 155 10.54 9.28 -17.74
C HIS A 155 9.11 9.10 -17.27
N PHE A 156 8.23 8.77 -18.21
CA PHE A 156 6.82 8.48 -17.88
C PHE A 156 6.74 7.07 -17.37
N ASP A 157 7.18 6.90 -16.13
CA ASP A 157 7.49 5.60 -15.54
C ASP A 157 6.56 5.35 -14.35
N ILE A 158 6.97 4.44 -13.46
CA ILE A 158 6.13 4.11 -12.33
C ILE A 158 5.79 5.33 -11.49
N ALA A 159 6.73 6.21 -11.27
CA ALA A 159 6.49 7.42 -10.50
C ALA A 159 5.54 8.35 -11.22
N ALA A 160 5.84 8.64 -12.47
CA ALA A 160 5.05 9.58 -13.25
C ALA A 160 3.63 9.07 -13.43
N ILE A 161 3.45 7.79 -13.75
CA ILE A 161 2.11 7.22 -13.94
C ILE A 161 1.34 7.35 -12.65
N SER A 162 1.97 7.02 -11.52
CA SER A 162 1.28 7.02 -10.24
C SER A 162 0.87 8.47 -9.88
N VAL A 163 1.79 9.44 -10.03
CA VAL A 163 1.45 10.82 -9.77
C VAL A 163 0.33 11.27 -10.69
N ALA A 164 0.41 10.95 -11.98
CA ALA A 164 -0.60 11.39 -12.95
C ALA A 164 -1.98 10.88 -12.53
N CYS A 165 -2.07 9.61 -12.13
CA CYS A 165 -3.34 9.05 -11.70
C CYS A 165 -3.85 9.70 -10.44
N ALA A 166 -2.96 10.06 -9.54
CA ALA A 166 -3.37 10.74 -8.32
C ALA A 166 -3.95 12.13 -8.63
N LEU A 167 -3.31 12.87 -9.54
CA LEU A 167 -3.82 14.19 -9.92
C LEU A 167 -5.15 14.11 -10.64
N GLY A 168 -5.29 13.10 -11.52
CA GLY A 168 -6.58 12.90 -12.16
C GLY A 168 -7.67 12.64 -11.14
N TYR A 169 -7.34 11.92 -10.09
CA TYR A 169 -8.33 11.57 -9.09
C TYR A 169 -8.70 12.78 -8.23
N LEU A 170 -7.72 13.66 -7.94
CA LEU A 170 -8.04 14.90 -7.27
C LEU A 170 -9.02 15.71 -8.12
N ASP A 171 -8.77 15.85 -9.43
CA ASP A 171 -9.68 16.62 -10.27
C ASP A 171 -11.07 15.98 -10.27
N PHE A 172 -11.12 14.65 -10.27
CA PHE A 172 -12.37 13.91 -10.37
C PHE A 172 -13.23 14.04 -9.11
N ARG A 173 -12.64 13.78 -7.94
CA ARG A 173 -13.42 13.75 -6.72
C ARG A 173 -13.26 14.95 -5.84
N HIS A 174 -12.18 15.73 -5.96
CA HIS A 174 -11.92 16.83 -5.01
C HIS A 174 -11.57 18.13 -5.74
N PRO A 175 -12.39 18.54 -6.68
CA PRO A 175 -11.99 19.80 -7.35
C PRO A 175 -11.94 21.00 -6.38
N ASP A 176 -12.59 20.93 -5.21
CA ASP A 176 -12.48 21.93 -4.13
C ASP A 176 -11.10 22.08 -3.58
N LEU A 177 -10.28 21.07 -3.78
N LEU A 177 -10.28 21.06 -3.79
CA LEU A 177 -8.90 21.13 -3.35
CA LEU A 177 -8.90 21.09 -3.38
C LEU A 177 -8.05 21.60 -4.52
C LEU A 177 -8.07 21.59 -4.56
N GLU A 178 -7.93 22.90 -4.69
CA GLU A 178 -7.17 23.46 -5.81
C GLU A 178 -5.69 23.19 -5.62
N TRP A 179 -5.03 22.79 -6.71
CA TRP A 179 -3.66 22.38 -6.60
C TRP A 179 -2.76 23.01 -7.65
N ARG A 180 -3.35 23.62 -8.65
CA ARG A 180 -2.53 24.11 -9.75
C ARG A 180 -1.82 25.44 -9.45
N GLN A 181 -2.46 26.32 -8.68
CA GLN A 181 -1.90 27.64 -8.36
C GLN A 181 -0.55 27.58 -7.67
N ASP A 182 -0.42 26.84 -6.57
CA ASP A 182 0.87 26.77 -5.88
C ASP A 182 1.80 25.75 -6.44
N HIS A 183 1.35 24.97 -7.45
CA HIS A 183 2.22 23.97 -8.06
C HIS A 183 2.19 24.11 -9.58
N PRO A 184 2.68 25.25 -10.07
CA PRO A 184 2.51 25.52 -11.51
C PRO A 184 3.35 24.59 -12.40
N GLN A 185 4.51 24.20 -11.93
CA GLN A 185 5.29 23.30 -12.77
C GLN A 185 4.62 21.94 -12.84
N LEU A 186 4.07 21.46 -11.71
CA LEU A 186 3.36 20.21 -11.72
C LEU A 186 2.13 20.32 -12.60
N ALA A 187 1.44 21.44 -12.53
CA ALA A 187 0.27 21.67 -13.38
C ALA A 187 0.60 21.62 -14.86
N ALA A 188 1.70 22.26 -15.25
CA ALA A 188 2.08 22.27 -16.66
C ALA A 188 2.43 20.85 -17.15
N TRP A 189 3.22 20.14 -16.34
CA TRP A 189 3.55 18.75 -16.66
C TRP A 189 2.29 17.91 -16.81
N TYR A 190 1.34 18.08 -15.88
CA TYR A 190 0.12 17.27 -15.95
C TYR A 190 -0.69 17.60 -17.20
N PHE A 191 -0.75 18.88 -17.52
CA PHE A 191 -1.43 19.27 -18.75
C PHE A 191 -0.83 18.55 -19.95
N GLU A 192 0.49 18.49 -20.03
CA GLU A 192 1.18 17.78 -21.11
C GLU A 192 0.86 16.30 -21.11
N ILE A 193 1.12 15.62 -19.98
CA ILE A 193 0.99 14.16 -20.00
C ILE A 193 -0.47 13.71 -20.08
N SER A 194 -1.42 14.59 -19.80
N SER A 194 -1.39 14.57 -19.71
CA SER A 194 -2.84 14.25 -19.95
CA SER A 194 -2.77 14.16 -19.81
C SER A 194 -3.22 13.95 -21.35
C SER A 194 -3.21 13.99 -21.27
N GLN A 195 -2.43 14.47 -22.26
CA GLN A 195 -2.73 14.21 -23.66
C GLN A 195 -2.15 12.89 -24.18
N ARG A 196 -1.37 12.19 -23.36
CA ARG A 196 -0.89 10.88 -23.83
C ARG A 196 -2.08 9.95 -24.04
N PRO A 197 -1.99 9.12 -25.07
CA PRO A 197 -3.10 8.18 -25.30
C PRO A 197 -3.45 7.32 -24.09
N SER A 198 -2.45 6.93 -23.30
CA SER A 198 -2.71 6.10 -22.12
C SER A 198 -3.59 6.83 -21.10
N MSE A 199 -3.43 8.15 -20.99
CA MSE A 199 -4.21 8.96 -20.06
C MSE A 199 -5.60 9.25 -20.62
O MSE A 199 -6.62 9.12 -19.90
CB MSE A 199 -3.44 10.22 -19.72
CG MSE A 199 -2.18 9.97 -18.89
SE MSE A 199 -2.54 9.31 -17.10
CE MSE A 199 -3.35 10.94 -16.42
N LEU A 200 -5.68 9.66 -21.89
CA LEU A 200 -6.98 9.99 -22.48
C LEU A 200 -7.91 8.80 -22.42
N ALA A 201 -7.38 7.57 -22.62
CA ALA A 201 -8.22 6.40 -22.72
C ALA A 201 -8.78 5.97 -21.39
N THR A 202 -8.21 6.42 -20.29
CA THR A 202 -8.44 5.82 -18.96
C THR A 202 -9.05 6.82 -17.98
N ARG A 203 -9.55 7.95 -18.46
CA ARG A 203 -10.17 8.98 -17.62
C ARG A 203 -11.40 8.42 -16.91
N PRO A 204 -11.60 8.80 -15.63
CA PRO A 204 -12.76 8.29 -14.90
C PRO A 204 -14.07 8.82 -15.49
N PRO A 205 -15.18 8.13 -15.24
CA PRO A 205 -16.49 8.55 -15.80
C PRO A 205 -16.92 9.90 -15.27
N SER B 2 24.92 6.43 8.53
CA SER B 2 24.03 5.30 8.87
C SER B 2 22.60 5.68 8.53
N LEU B 3 21.70 4.77 8.76
CA LEU B 3 20.29 4.98 8.40
C LEU B 3 19.51 5.45 9.63
N THR B 4 18.38 6.12 9.41
CA THR B 4 17.52 6.53 10.54
C THR B 4 16.10 6.12 10.17
N LEU B 5 15.45 5.40 11.06
CA LEU B 5 14.09 4.92 10.84
C LEU B 5 13.17 5.62 11.80
N PHE B 6 12.17 6.32 11.27
CA PHE B 6 11.08 6.83 12.12
C PHE B 6 10.25 5.64 12.62
N HIS B 7 10.09 5.60 13.95
CA HIS B 7 9.72 4.36 14.61
C HIS B 7 8.77 4.61 15.77
N ASN B 8 7.88 3.67 16.00
N ASN B 8 7.89 3.63 15.96
CA ASN B 8 7.35 3.48 17.34
CA ASN B 8 7.07 3.50 17.14
C ASN B 8 6.92 2.01 17.47
C ASN B 8 7.01 1.96 17.43
N PRO B 9 6.91 1.53 18.69
CA PRO B 9 6.77 0.10 18.91
C PRO B 9 5.35 -0.41 18.68
N ALA B 10 4.37 0.43 18.49
CA ALA B 10 3.01 -0.02 18.21
C ALA B 10 2.84 -0.38 16.77
N SER B 11 3.54 0.29 15.87
CA SER B 11 3.19 0.23 14.47
C SER B 11 3.50 -1.12 13.84
N PRO B 12 2.54 -1.78 13.18
CA PRO B 12 2.87 -3.07 12.60
C PRO B 12 3.63 -2.94 11.30
N TYR B 13 3.51 -1.79 10.64
CA TYR B 13 4.30 -1.51 9.45
C TYR B 13 5.77 -1.31 9.78
N VAL B 14 6.00 -0.54 10.85
CA VAL B 14 7.36 -0.45 11.38
C VAL B 14 7.86 -1.84 11.80
N ARG B 15 6.99 -2.62 12.41
CA ARG B 15 7.38 -3.93 12.87
C ARG B 15 7.87 -4.77 11.71
N LYS B 16 7.24 -4.70 10.53
CA LYS B 16 7.75 -5.49 9.42
C LYS B 16 9.21 -5.17 9.18
N VAL B 17 9.52 -3.88 9.17
CA VAL B 17 10.89 -3.42 8.93
C VAL B 17 11.83 -3.96 10.02
N MSE B 18 11.42 -3.83 11.29
CA MSE B 18 12.25 -4.28 12.39
C MSE B 18 12.50 -5.79 12.30
O MSE B 18 13.63 -6.26 12.55
CB MSE B 18 11.67 -3.90 13.72
CG MSE B 18 11.49 -2.41 13.92
SE MSE B 18 13.15 -1.44 13.86
CE MSE B 18 13.92 -2.17 15.55
N VAL B 19 11.49 -6.59 11.97
CA VAL B 19 11.64 -8.00 11.85
C VAL B 19 12.62 -8.33 10.72
N LEU B 20 12.49 -7.67 9.58
CA LEU B 20 13.42 -7.89 8.49
C LEU B 20 14.85 -7.53 8.88
N LEU B 21 15.01 -6.42 9.59
CA LEU B 21 16.35 -6.03 10.09
C LEU B 21 16.93 -7.11 10.99
N HIS B 22 16.14 -7.61 11.93
N HIS B 22 16.12 -7.62 11.89
CA HIS B 22 16.62 -8.69 12.78
CA HIS B 22 16.56 -8.67 12.78
C HIS B 22 17.04 -9.87 11.91
C HIS B 22 16.96 -9.94 12.01
N GLU B 23 16.11 -10.33 11.07
CA GLU B 23 16.32 -11.57 10.35
C GLU B 23 17.55 -11.48 9.45
N THR B 24 17.85 -10.28 8.93
CA THR B 24 18.95 -10.11 7.99
C THR B 24 20.21 -9.59 8.64
N GLY B 25 20.23 -9.42 9.95
CA GLY B 25 21.45 -8.98 10.62
C GLY B 25 21.78 -7.51 10.42
N GLN B 26 20.80 -6.66 10.14
CA GLN B 26 21.08 -5.28 9.82
C GLN B 26 20.59 -4.24 10.85
N LEU B 27 20.24 -4.73 12.07
CA LEU B 27 19.80 -3.80 13.11
C LEU B 27 20.84 -2.77 13.39
N ASN B 28 22.09 -3.16 13.27
CA ASN B 28 23.26 -2.30 13.51
C ASN B 28 23.39 -1.09 12.59
N ARG B 29 22.60 -1.04 11.55
CA ARG B 29 22.69 0.06 10.58
C ARG B 29 21.73 1.15 10.89
N VAL B 30 20.79 0.93 11.80
CA VAL B 30 19.58 1.79 11.86
C VAL B 30 19.41 2.47 13.20
N ALA B 31 19.50 3.78 13.25
CA ALA B 31 19.12 4.56 14.43
C ALA B 31 17.61 4.72 14.41
N LEU B 32 16.97 4.61 15.57
CA LEU B 32 15.53 4.79 15.67
C LEU B 32 15.23 6.20 16.07
N GLN B 33 14.34 6.84 15.34
CA GLN B 33 13.86 8.18 15.70
C GLN B 33 12.42 8.01 16.13
N ALA B 34 12.15 8.22 17.42
CA ALA B 34 10.85 7.97 17.98
C ALA B 34 9.84 8.91 17.37
N SER B 35 8.66 8.39 17.04
CA SER B 35 7.56 9.20 16.53
C SER B 35 6.27 8.80 17.19
N GLN B 36 5.57 9.79 17.72
CA GLN B 36 4.17 9.60 18.16
C GLN B 36 3.33 10.48 17.27
N LEU B 37 2.24 9.95 16.74
CA LEU B 37 1.57 10.63 15.63
C LEU B 37 0.22 10.02 15.41
N SER B 38 -0.62 10.76 14.71
CA SER B 38 -1.86 10.20 14.16
C SER B 38 -2.28 11.12 13.06
N PRO B 39 -3.37 10.78 12.34
CA PRO B 39 -3.77 11.67 11.27
C PRO B 39 -4.27 13.02 11.75
N VAL B 40 -4.58 13.17 13.05
CA VAL B 40 -4.99 14.46 13.58
C VAL B 40 -3.95 15.06 14.53
N ALA B 41 -2.80 14.41 14.65
CA ALA B 41 -1.69 14.83 15.53
C ALA B 41 -0.38 14.70 14.78
N PRO B 42 -0.08 15.65 13.91
CA PRO B 42 1.10 15.53 13.03
C PRO B 42 2.41 15.59 13.85
N ASP B 43 3.43 14.90 13.32
CA ASP B 43 4.80 14.94 13.82
C ASP B 43 5.56 15.80 12.79
N ALA B 44 5.87 17.03 13.18
CA ALA B 44 6.51 17.96 12.26
C ALA B 44 7.86 17.48 11.74
N ALA B 45 8.61 16.82 12.58
CA ALA B 45 9.92 16.33 12.16
C ALA B 45 9.73 15.23 11.11
N LEU B 46 8.83 14.30 11.34
CA LEU B 46 8.53 13.26 10.36
C LEU B 46 8.07 13.90 9.07
N ASN B 47 7.19 14.90 9.13
CA ASN B 47 6.62 15.45 7.93
C ASN B 47 7.66 16.05 7.03
N GLN B 48 8.77 16.55 7.58
CA GLN B 48 9.84 17.08 6.74
C GLN B 48 10.49 16.04 5.89
N ASP B 49 10.40 14.78 6.31
CA ASP B 49 11.02 13.68 5.60
C ASP B 49 10.02 12.87 4.79
N ASN B 50 8.86 12.55 5.34
CA ASN B 50 7.79 11.89 4.60
C ASN B 50 6.56 12.79 4.61
N PRO B 51 6.26 13.46 3.51
CA PRO B 51 5.14 14.40 3.51
C PRO B 51 3.82 13.75 3.85
N LEU B 52 3.70 12.46 3.63
CA LEU B 52 2.47 11.76 3.99
C LEU B 52 2.25 11.70 5.48
N GLY B 53 3.26 11.96 6.31
CA GLY B 53 3.06 11.90 7.74
C GLY B 53 2.77 10.51 8.23
N LYS B 54 3.47 9.52 7.68
CA LYS B 54 3.33 8.13 8.10
C LYS B 54 4.69 7.51 8.41
N ILE B 55 4.65 6.54 9.30
CA ILE B 55 5.80 5.70 9.63
C ILE B 55 5.52 4.27 9.18
N PRO B 56 6.53 3.51 8.78
CA PRO B 56 7.95 3.89 8.75
C PRO B 56 8.35 4.82 7.63
N ALA B 57 9.41 5.56 7.87
CA ALA B 57 10.14 6.33 6.86
C ALA B 57 11.61 6.14 7.17
N LEU B 58 12.43 5.94 6.16
CA LEU B 58 13.84 5.62 6.33
C LEU B 58 14.69 6.68 5.69
N ARG B 59 15.51 7.37 6.48
CA ARG B 59 16.43 8.33 5.94
C ARG B 59 17.73 7.63 5.67
N LEU B 60 18.20 7.68 4.44
CA LEU B 60 19.45 6.99 4.06
C LEU B 60 20.65 7.74 4.48
N ASP B 61 21.83 7.12 4.36
CA ASP B 61 23.07 7.75 4.76
C ASP B 61 23.27 9.06 4.00
N ASN B 62 22.78 9.15 2.77
CA ASN B 62 22.94 10.35 1.96
C ASN B 62 21.83 11.39 2.17
N GLY B 63 20.92 11.16 3.10
CA GLY B 63 19.88 12.15 3.35
C GLY B 63 18.55 11.95 2.59
N GLN B 64 18.55 11.14 1.55
CA GLN B 64 17.30 10.85 0.83
C GLN B 64 16.38 10.05 1.75
N VAL B 65 15.08 10.14 1.56
CA VAL B 65 14.13 9.43 2.40
C VAL B 65 13.35 8.42 1.57
N LEU B 66 13.20 7.22 2.11
CA LEU B 66 12.36 6.17 1.49
C LEU B 66 11.11 5.96 2.33
N TYR B 67 10.00 5.71 1.62
CA TYR B 67 8.74 5.28 2.22
C TYR B 67 7.93 4.74 1.04
N ASP B 68 6.87 3.97 1.28
CA ASP B 68 6.36 3.47 2.56
C ASP B 68 7.06 2.13 2.90
N SER B 69 6.44 1.36 3.81
CA SER B 69 7.12 0.16 4.30
C SER B 69 7.54 -0.78 3.19
N ARG B 70 6.74 -0.96 2.13
CA ARG B 70 7.19 -1.94 1.16
C ARG B 70 8.41 -1.48 0.41
N VAL B 71 8.58 -0.18 0.17
CA VAL B 71 9.77 0.35 -0.49
C VAL B 71 10.98 0.16 0.44
N ILE B 72 10.81 0.46 1.71
CA ILE B 72 11.88 0.28 2.68
C ILE B 72 12.32 -1.17 2.77
N LEU B 73 11.35 -2.09 2.81
CA LEU B 73 11.67 -3.50 2.91
C LEU B 73 12.43 -3.96 1.69
N ASP B 74 12.05 -3.52 0.48
CA ASP B 74 12.76 -3.85 -0.75
C ASP B 74 14.18 -3.34 -0.68
N TYR B 75 14.37 -2.09 -0.29
CA TYR B 75 15.71 -1.53 -0.18
C TYR B 75 16.57 -2.36 0.74
N LEU B 76 16.06 -2.63 1.94
CA LEU B 76 16.85 -3.33 2.96
C LEU B 76 17.18 -4.74 2.54
N ASP B 77 16.26 -5.40 1.84
CA ASP B 77 16.50 -6.76 1.39
C ASP B 77 17.59 -6.83 0.36
N GLN B 78 17.83 -5.75 -0.37
CA GLN B 78 18.88 -5.76 -1.38
C GLN B 78 20.25 -5.33 -0.83
N GLN B 79 20.34 -5.00 0.45
CA GLN B 79 21.59 -4.50 1.01
C GLN B 79 22.48 -5.60 1.57
N HIS B 80 21.91 -6.77 1.83
CA HIS B 80 22.66 -7.85 2.47
C HIS B 80 22.95 -8.95 1.47
N VAL B 81 23.90 -9.80 1.80
CA VAL B 81 24.26 -10.88 0.89
C VAL B 81 23.60 -12.22 1.27
N GLY B 82 22.73 -12.23 2.27
CA GLY B 82 22.00 -13.47 2.56
C GLY B 82 20.94 -13.84 1.51
N ASN B 83 20.24 -14.97 1.69
CA ASN B 83 19.12 -15.23 0.80
C ASN B 83 18.10 -14.12 0.89
N PRO B 84 17.56 -13.71 -0.27
CA PRO B 84 16.61 -12.62 -0.15
C PRO B 84 15.31 -13.05 0.52
N LEU B 85 14.75 -12.14 1.28
CA LEU B 85 13.42 -12.37 1.84
C LEU B 85 12.31 -12.02 0.87
N ILE B 86 12.63 -11.28 -0.20
CA ILE B 86 11.68 -11.03 -1.28
C ILE B 86 12.20 -11.75 -2.51
N PRO B 87 11.48 -12.75 -3.05
CA PRO B 87 12.04 -13.49 -4.18
C PRO B 87 12.29 -12.53 -5.34
N ARG B 88 13.43 -12.71 -5.98
CA ARG B 88 13.82 -11.79 -7.03
C ARG B 88 13.10 -12.05 -8.34
N ASP B 89 12.66 -13.27 -8.58
CA ASP B 89 12.02 -13.49 -9.88
C ASP B 89 10.99 -14.58 -9.86
N GLY B 90 10.34 -14.72 -11.00
CA GLY B 90 9.48 -15.85 -11.25
C GLY B 90 8.26 -15.90 -10.37
N SER B 91 7.64 -17.08 -10.33
CA SER B 91 6.33 -17.25 -9.72
C SER B 91 6.30 -16.92 -8.25
N ALA B 92 7.33 -17.33 -7.52
CA ALA B 92 7.38 -17.04 -6.10
C ALA B 92 7.31 -15.56 -5.84
N ARG B 93 7.98 -14.74 -6.65
CA ARG B 93 7.98 -13.30 -6.37
C ARG B 93 6.55 -12.81 -6.25
N TRP B 94 5.73 -13.18 -7.24
N TRP B 94 5.66 -13.08 -7.19
CA TRP B 94 4.34 -12.68 -7.40
CA TRP B 94 4.36 -12.41 -7.07
C TRP B 94 3.44 -13.23 -6.31
C TRP B 94 3.38 -13.21 -6.20
N ARG B 95 3.60 -14.50 -6.02
CA ARG B 95 2.81 -15.19 -5.02
C ARG B 95 3.08 -14.64 -3.63
N ARG B 96 4.35 -14.51 -3.30
CA ARG B 96 4.71 -14.04 -1.96
C ARG B 96 4.40 -12.54 -1.77
N LEU B 97 4.61 -11.71 -2.82
CA LEU B 97 4.24 -10.32 -2.69
C LEU B 97 2.75 -10.14 -2.61
N THR B 98 1.94 -10.99 -3.26
CA THR B 98 0.49 -10.88 -3.13
C THR B 98 0.07 -11.24 -1.71
N LEU B 99 0.63 -12.29 -1.10
N LEU B 99 0.66 -12.29 -1.15
CA LEU B 99 0.32 -12.58 0.33
CA LEU B 99 0.38 -12.66 0.23
C LEU B 99 0.75 -11.44 1.24
C LEU B 99 0.75 -11.52 1.17
N ALA B 100 1.88 -10.83 0.92
CA ALA B 100 2.26 -9.66 1.72
C ALA B 100 1.25 -8.55 1.57
N ALA B 101 0.74 -8.34 0.36
CA ALA B 101 -0.28 -7.30 0.15
C ALA B 101 -1.58 -7.66 0.87
N LEU B 102 -1.95 -8.93 0.92
CA LEU B 102 -3.12 -9.37 1.70
C LEU B 102 -2.93 -8.92 3.14
N ALA B 103 -1.74 -9.19 3.71
CA ALA B 103 -1.47 -8.82 5.07
C ALA B 103 -1.50 -7.29 5.27
N ASP B 104 -0.94 -6.52 4.33
CA ASP B 104 -1.01 -5.07 4.43
C ASP B 104 -2.44 -4.60 4.41
N GLY B 105 -3.31 -5.25 3.63
CA GLY B 105 -4.73 -4.87 3.64
C GLY B 105 -5.37 -5.12 4.97
N ILE B 106 -5.04 -6.22 5.66
CA ILE B 106 -5.50 -6.40 7.02
C ILE B 106 -5.02 -5.27 7.93
N MSE B 107 -3.74 -4.93 7.84
CA MSE B 107 -3.19 -3.85 8.69
C MSE B 107 -3.91 -2.55 8.38
O MSE B 107 -4.27 -1.81 9.32
CB MSE B 107 -1.68 -3.69 8.48
CG MSE B 107 -0.86 -4.80 9.14
SE MSE B 107 0.92 -4.88 9.12
CE MSE B 107 1.09 -5.91 7.52
N ASP B 108 -4.14 -2.26 7.11
CA ASP B 108 -4.76 -0.98 6.73
C ASP B 108 -6.14 -0.89 7.37
N ALA B 109 -6.95 -1.95 7.24
CA ALA B 109 -8.28 -1.95 7.85
C ALA B 109 -8.19 -1.87 9.37
N SER B 110 -7.25 -2.57 9.96
CA SER B 110 -7.08 -2.60 11.39
C SER B 110 -6.74 -1.25 11.95
N VAL B 111 -5.84 -0.53 11.29
CA VAL B 111 -5.46 0.79 11.74
C VAL B 111 -6.63 1.77 11.59
N LEU B 112 -7.37 1.69 10.51
CA LEU B 112 -8.53 2.58 10.35
C LEU B 112 -9.55 2.32 11.45
N VAL B 113 -9.83 1.05 11.77
CA VAL B 113 -10.80 0.77 12.85
C VAL B 113 -10.22 1.29 14.20
N ARG B 114 -8.93 1.12 14.46
CA ARG B 114 -8.34 1.67 15.67
C ARG B 114 -8.53 3.17 15.77
N TYR B 115 -8.26 3.89 14.68
CA TYR B 115 -8.38 5.32 14.74
C TYR B 115 -9.81 5.75 14.94
N GLU B 116 -10.77 5.11 14.29
CA GLU B 116 -12.15 5.49 14.53
C GLU B 116 -12.52 5.26 15.98
N LEU B 117 -12.22 4.07 16.50
CA LEU B 117 -12.64 3.77 17.87
C LEU B 117 -11.92 4.60 18.92
N ALA B 118 -10.64 4.84 18.74
CA ALA B 118 -9.86 5.52 19.76
C ALA B 118 -9.86 7.02 19.66
N LEU B 119 -10.00 7.59 18.45
CA LEU B 119 -9.84 9.01 18.25
C LEU B 119 -11.14 9.75 17.91
N ARG B 120 -12.01 9.13 17.11
CA ARG B 120 -13.23 9.81 16.69
C ARG B 120 -14.26 9.84 17.82
N ALA B 121 -14.95 10.94 17.97
CA ALA B 121 -16.00 11.06 19.01
C ALA B 121 -17.00 9.90 18.84
N PRO B 122 -17.41 9.26 19.95
CA PRO B 122 -18.34 8.12 19.81
C PRO B 122 -19.63 8.44 19.08
N GLU B 123 -20.15 9.65 19.19
CA GLU B 123 -21.40 9.95 18.50
C GLU B 123 -21.22 9.98 16.98
N LYS B 124 -19.97 10.08 16.53
CA LYS B 124 -19.67 10.06 15.09
C LYS B 124 -19.19 8.71 14.58
N HIS B 125 -19.20 7.68 15.42
CA HIS B 125 -18.84 6.34 14.95
C HIS B 125 -19.93 5.88 14.01
N TRP B 126 -19.52 5.14 12.99
CA TRP B 126 -20.48 4.58 12.05
C TRP B 126 -20.36 3.07 12.05
N GLU B 127 -21.32 2.42 12.70
CA GLU B 127 -21.22 0.98 12.97
C GLU B 127 -21.15 0.17 11.70
N GLN B 128 -21.91 0.54 10.68
CA GLN B 128 -21.88 -0.26 9.44
C GLN B 128 -20.49 -0.13 8.80
N TRP B 129 -19.85 1.02 8.90
CA TRP B 129 -18.49 1.18 8.40
C TRP B 129 -17.52 0.30 9.18
N LEU B 130 -17.65 0.33 10.50
CA LEU B 130 -16.77 -0.47 11.34
C LEU B 130 -16.94 -1.94 11.05
N ASP B 131 -18.17 -2.38 10.93
CA ASP B 131 -18.39 -3.78 10.61
C ASP B 131 -17.90 -4.14 9.20
N GLY B 132 -17.99 -3.23 8.25
CA GLY B 132 -17.46 -3.48 6.91
C GLY B 132 -15.97 -3.73 6.97
N GLN B 133 -15.24 -2.91 7.73
CA GLN B 133 -13.82 -3.13 7.87
C GLN B 133 -13.50 -4.43 8.59
N ARG B 134 -14.23 -4.71 9.64
CA ARG B 134 -14.01 -5.98 10.34
C ARG B 134 -14.29 -7.15 9.40
N ASP B 135 -15.31 -7.06 8.56
CA ASP B 135 -15.60 -8.14 7.65
C ASP B 135 -14.53 -8.29 6.58
N LYS B 136 -13.98 -7.20 6.11
CA LYS B 136 -12.83 -7.31 5.19
C LYS B 136 -11.66 -8.01 5.87
N ILE B 137 -11.41 -7.73 7.15
CA ILE B 137 -10.36 -8.44 7.86
C ILE B 137 -10.73 -9.91 7.96
N ARG B 138 -11.97 -10.24 8.34
CA ARG B 138 -12.38 -11.64 8.48
C ARG B 138 -12.27 -12.40 7.20
N ARG B 139 -12.64 -11.79 6.07
CA ARG B 139 -12.53 -12.51 4.80
C ARG B 139 -11.06 -12.80 4.50
N ALA B 140 -10.17 -11.84 4.76
CA ALA B 140 -8.74 -12.05 4.54
C ALA B 140 -8.20 -13.14 5.46
N LEU B 141 -8.65 -13.17 6.69
CA LEU B 141 -8.24 -14.25 7.61
C LEU B 141 -8.64 -15.64 7.08
N ALA B 142 -9.81 -15.74 6.44
CA ALA B 142 -10.22 -17.01 5.88
C ALA B 142 -9.25 -17.47 4.81
N VAL B 143 -8.82 -16.57 3.94
CA VAL B 143 -7.86 -16.93 2.93
C VAL B 143 -6.55 -17.33 3.62
N LEU B 144 -6.11 -16.61 4.65
CA LEU B 144 -4.94 -17.00 5.40
C LEU B 144 -5.03 -18.36 6.04
N GLU B 145 -6.23 -18.76 6.51
CA GLU B 145 -6.41 -20.08 7.09
C GLU B 145 -6.05 -21.14 6.07
N ALA B 146 -6.53 -20.98 4.82
CA ALA B 146 -6.18 -21.91 3.77
C ALA B 146 -4.67 -21.85 3.50
N GLU B 147 -4.10 -20.64 3.49
CA GLU B 147 -2.66 -20.53 3.22
C GLU B 147 -1.83 -21.14 4.33
N ALA B 148 -2.39 -21.24 5.54
CA ALA B 148 -1.67 -21.80 6.69
C ALA B 148 -1.58 -23.31 6.56
N ILE B 149 -2.22 -23.92 5.58
CA ILE B 149 -2.17 -25.35 5.37
C ILE B 149 -0.78 -25.74 5.00
N ALA B 150 -0.18 -24.98 4.09
CA ALA B 150 1.17 -25.30 3.64
C ALA B 150 1.99 -24.13 3.09
N GLU B 151 1.35 -23.27 2.31
CA GLU B 151 2.07 -22.15 1.68
C GLU B 151 2.76 -21.16 2.60
N LEU B 152 2.07 -20.70 3.63
CA LEU B 152 2.65 -19.72 4.54
C LEU B 152 3.98 -20.11 5.18
N ALA B 153 4.03 -21.34 5.67
CA ALA B 153 5.13 -21.88 6.43
C ALA B 153 6.37 -22.26 5.60
N SER B 154 6.24 -22.24 4.28
CA SER B 154 7.36 -22.60 3.41
C SER B 154 8.66 -21.79 3.66
N HIS B 155 8.54 -20.51 3.98
CA HIS B 155 9.72 -19.67 4.22
C HIS B 155 9.29 -18.54 5.15
N PHE B 156 10.15 -18.15 6.10
CA PHE B 156 9.88 -16.93 6.87
C PHE B 156 10.43 -15.74 6.09
N ASP B 157 9.63 -15.34 5.09
CA ASP B 157 10.05 -14.35 4.12
C ASP B 157 9.14 -13.12 4.18
N ILE B 158 9.14 -12.32 3.10
CA ILE B 158 8.33 -11.13 3.07
C ILE B 158 6.86 -11.41 3.40
N ALA B 159 6.33 -12.51 2.87
CA ALA B 159 4.92 -12.81 3.12
C ALA B 159 4.67 -13.19 4.55
N ALA B 160 5.52 -14.07 5.09
CA ALA B 160 5.33 -14.55 6.42
C ALA B 160 5.50 -13.44 7.45
N ILE B 161 6.50 -12.59 7.23
CA ILE B 161 6.72 -11.45 8.10
C ILE B 161 5.51 -10.53 8.11
N SER B 162 4.99 -10.25 6.92
CA SER B 162 3.89 -9.32 6.80
C SER B 162 2.64 -9.88 7.51
N VAL B 163 2.33 -11.14 7.23
CA VAL B 163 1.18 -11.78 7.89
C VAL B 163 1.38 -11.83 9.38
N ALA B 164 2.56 -12.20 9.86
CA ALA B 164 2.80 -12.27 11.30
C ALA B 164 2.58 -10.93 11.99
N CYS B 165 3.06 -9.86 11.37
CA CYS B 165 2.89 -8.53 11.94
C CYS B 165 1.42 -8.13 11.95
N ALA B 166 0.64 -8.52 10.93
CA ALA B 166 -0.76 -8.20 10.91
C ALA B 166 -1.49 -8.92 12.06
N LEU B 167 -1.16 -10.20 12.28
CA LEU B 167 -1.81 -10.94 13.36
C LEU B 167 -1.40 -10.40 14.73
N GLY B 168 -0.14 -10.03 14.88
CA GLY B 168 0.28 -9.43 16.14
C GLY B 168 -0.47 -8.13 16.43
N TYR B 169 -0.81 -7.40 15.37
CA TYR B 169 -1.52 -6.15 15.56
C TYR B 169 -2.99 -6.38 15.93
N LEU B 170 -3.60 -7.43 15.35
CA LEU B 170 -4.95 -7.80 15.80
C LEU B 170 -4.95 -8.14 17.28
N ASP B 171 -3.96 -8.92 17.73
CA ASP B 171 -3.88 -9.25 19.15
C ASP B 171 -3.75 -7.97 20.01
N PHE B 172 -2.97 -7.01 19.53
CA PHE B 172 -2.65 -5.80 20.29
C PHE B 172 -3.84 -4.84 20.35
N ARG B 173 -4.43 -4.51 19.21
CA ARG B 173 -5.48 -3.50 19.19
C ARG B 173 -6.89 -4.06 19.05
N HIS B 174 -7.05 -5.26 18.52
CA HIS B 174 -8.40 -5.80 18.25
C HIS B 174 -8.62 -7.22 18.80
N PRO B 175 -8.33 -7.42 20.09
CA PRO B 175 -8.52 -8.77 20.66
C PRO B 175 -9.98 -9.23 20.57
N ASP B 176 -10.91 -8.29 20.48
CA ASP B 176 -12.33 -8.59 20.37
C ASP B 176 -12.65 -9.33 19.07
N LEU B 177 -11.79 -9.20 18.06
CA LEU B 177 -11.99 -10.00 16.83
C LEU B 177 -11.70 -11.51 16.98
N GLU B 178 -10.99 -11.87 18.05
CA GLU B 178 -10.66 -13.25 18.44
C GLU B 178 -10.33 -14.13 17.23
N TRP B 179 -9.34 -13.69 16.47
CA TRP B 179 -9.07 -14.33 15.16
C TRP B 179 -8.73 -15.80 15.27
N ARG B 180 -8.14 -16.25 16.39
CA ARG B 180 -7.81 -17.65 16.49
C ARG B 180 -9.03 -18.55 16.55
N GLN B 181 -10.19 -18.07 17.05
CA GLN B 181 -11.31 -18.95 17.38
C GLN B 181 -11.79 -19.82 16.24
N ASP B 182 -11.78 -19.21 15.07
CA ASP B 182 -12.27 -19.89 13.87
C ASP B 182 -11.18 -20.04 12.84
N HIS B 183 -9.91 -19.92 13.23
CA HIS B 183 -8.81 -20.13 12.27
C HIS B 183 -7.71 -20.96 12.96
N PRO B 184 -7.97 -22.23 13.20
CA PRO B 184 -6.99 -23.07 13.92
C PRO B 184 -5.66 -23.35 13.20
N GLN B 185 -5.70 -23.48 11.88
CA GLN B 185 -4.45 -23.71 11.18
C GLN B 185 -3.54 -22.48 11.28
N LEU B 186 -4.12 -21.30 11.07
CA LEU B 186 -3.39 -20.06 11.17
C LEU B 186 -2.91 -19.88 12.61
N ALA B 187 -3.75 -20.22 13.59
CA ALA B 187 -3.36 -20.12 15.00
C ALA B 187 -2.12 -20.95 15.25
N ALA B 188 -2.07 -22.18 14.74
CA ALA B 188 -0.89 -23.03 14.99
C ALA B 188 0.34 -22.47 14.33
N TRP B 189 0.20 -21.99 13.10
CA TRP B 189 1.34 -21.39 12.41
C TRP B 189 1.90 -20.20 13.19
N TYR B 190 0.99 -19.33 13.61
CA TYR B 190 1.44 -18.13 14.30
C TYR B 190 2.07 -18.46 15.66
N PHE B 191 1.56 -19.45 16.35
CA PHE B 191 2.15 -19.84 17.63
C PHE B 191 3.61 -20.19 17.44
N GLU B 192 3.92 -20.92 16.38
N GLU B 192 3.91 -20.94 16.39
CA GLU B 192 5.28 -21.29 16.10
CA GLU B 192 5.29 -21.29 16.09
C GLU B 192 6.13 -20.09 15.69
C GLU B 192 6.12 -20.06 15.73
N ILE B 193 5.67 -19.29 14.73
CA ILE B 193 6.55 -18.23 14.26
C ILE B 193 6.72 -17.13 15.31
N SER B 194 5.79 -17.03 16.25
N SER B 194 5.76 -16.98 16.21
CA SER B 194 5.98 -16.08 17.37
CA SER B 194 5.88 -15.92 17.23
C SER B 194 7.21 -16.37 18.21
C SER B 194 7.03 -16.16 18.19
N GLN B 195 7.67 -17.61 18.19
N GLN B 195 7.56 -17.39 18.18
CA GLN B 195 8.83 -17.92 18.99
CA GLN B 195 8.72 -17.77 18.99
C GLN B 195 10.13 -17.50 18.31
C GLN B 195 10.06 -17.42 18.34
N ARG B 196 10.07 -17.02 17.07
CA ARG B 196 11.32 -16.59 16.47
C ARG B 196 11.88 -15.38 17.20
N PRO B 197 13.19 -15.35 17.40
CA PRO B 197 13.81 -14.19 18.07
C PRO B 197 13.37 -12.85 17.46
N SER B 198 13.24 -12.75 16.16
CA SER B 198 12.88 -11.48 15.55
C SER B 198 11.47 -11.05 15.93
N MSE B 199 10.57 -12.01 16.18
CA MSE B 199 9.22 -11.68 16.61
C MSE B 199 9.21 -11.33 18.07
O MSE B 199 8.63 -10.33 18.48
CB MSE B 199 8.28 -12.83 16.30
CG MSE B 199 8.05 -13.03 14.81
SE MSE B 199 7.06 -11.57 14.00
CE MSE B 199 5.37 -11.95 14.88
N LEU B 200 9.92 -12.11 18.89
CA LEU B 200 9.96 -11.81 20.32
C LEU B 200 10.55 -10.44 20.61
N ALA B 201 11.51 -10.00 19.82
CA ALA B 201 12.19 -8.72 20.06
C ALA B 201 11.43 -7.50 19.56
N THR B 202 10.29 -7.68 18.88
CA THR B 202 9.63 -6.57 18.18
C THR B 202 8.15 -6.48 18.59
N ARG B 203 7.78 -7.10 19.71
CA ARG B 203 6.37 -7.08 20.15
C ARG B 203 5.93 -5.67 20.52
N PRO B 204 4.64 -5.34 20.32
CA PRO B 204 4.11 -4.04 20.75
C PRO B 204 3.98 -3.95 22.27
N PRO B 205 3.88 -2.71 22.80
CA PRO B 205 3.85 -2.48 24.25
C PRO B 205 2.65 -3.15 24.92
C ACT C . -4.59 -0.96 -4.71
O ACT C . -3.52 -0.28 -4.69
OXT ACT C . -4.70 -1.92 -5.47
CH3 ACT C . -5.71 -0.55 -3.82
C ACT D . -11.33 1.70 -3.95
O ACT D . -12.43 1.55 -3.29
OXT ACT D . -10.51 0.74 -4.02
CH3 ACT D . -10.94 2.94 -4.70
C ACT E . -14.41 6.52 -6.32
O ACT E . -14.16 7.74 -6.06
OXT ACT E . -15.61 6.21 -6.58
CH3 ACT E . -13.37 5.46 -6.26
C1 GOL F . 10.49 11.74 -22.33
O1 GOL F . 9.27 11.94 -22.99
C2 GOL F . 10.20 10.69 -21.26
O2 GOL F . 9.63 11.32 -20.12
C3 GOL F . 9.16 9.68 -21.77
O3 GOL F . 9.14 8.58 -20.87
C ACT G . -2.02 2.45 16.76
O ACT G . -1.62 3.14 17.75
OXT ACT G . -2.34 1.29 16.99
CH3 ACT G . -2.11 3.02 15.38
CB1 GSF H . 1.19 2.73 6.06
CG1 GSF H . 1.87 3.18 7.31
CD1 GSF H . 0.92 3.63 8.40
OE1 GSF H . -0.30 3.74 8.23
C1 GSF H . 3.20 1.65 5.01
O11 GSF H . 3.02 0.51 4.50
O12 GSF H . 4.26 1.99 5.62
N1 GSF H . 1.34 2.43 3.61
CA1 GSF H . 2.10 2.67 4.85
N2 GSF H . 1.47 3.86 9.63
CA2 GSF H . 0.72 4.48 10.69
CB2 GSF H . 1.16 4.07 12.06
SG2 GSF H . 0.59 2.47 12.58
O1S GSF H . 1.22 1.53 11.86
O2S GSF H . 0.92 2.48 14.03
C2 GSF H . 0.89 5.94 10.58
O2 GSF H . 1.94 6.48 10.24
N3 GSF H . -0.23 6.72 10.93
CA3 GSF H . -0.19 8.16 10.90
C3 GSF H . -1.16 8.79 9.96
O31 GSF H . -1.84 8.08 9.14
O32 GSF H . -1.26 10.03 10.04
#